data_6AAC
#
_entry.id   6AAC
#
_cell.length_a   101.492
_cell.length_b   44.284
_cell.length_c   72.637
_cell.angle_alpha   90.00
_cell.angle_beta   118.49
_cell.angle_gamma   90.00
#
_symmetry.space_group_name_H-M   'C 1 2 1'
#
loop_
_entity.id
_entity.type
_entity.pdbx_description
1 polymer 'Pyrrolysine--tRNA ligase'
2 non-polymer 'MAGNESIUM ION'
3 non-polymer "ADENOSINE-5'-TRIPHOSPHATE"
4 non-polymer N6-{[(3-azidophenyl)methoxy]carbonyl}-L-lysine
5 non-polymer 'POTASSIUM ION'
6 non-polymer DI(HYDROXYETHYL)ETHER
7 non-polymer 'TRIETHYLENE GLYCOL'
8 water water
#
_entity_poly.entity_id   1
_entity_poly.type   'polypeptide(L)'
_entity_poly.pdbx_seq_one_letter_code
;GSHMASAPALTKSQTDRLEVLLNPKDEISLNSGKPFRELESELLSRRKKDLQQIYAEERENYLGKLEREITRFFVDRGFL
EIKSPILIPLEYIERMGIDNDTELSKQIFRVDKNFCLRPMLAPNLANYLRKLDRALPDPIKIFEIGPCYRKESDGKEHLE
EFTMLNFCQMGSGCTRENLESIITDFLNHLGIDFKIVGDSCMVFGDTLDVMHGDLELSSAVVGPIPLDREWGIDKPWIGA
GFGLERLLKVKHDFKNIKRAARSGSYYNGISTNL
;
_entity_poly.pdbx_strand_id   A
#
# COMPACT_ATOMS: atom_id res chain seq x y z
N PRO A 8 -14.01 -22.87 -31.08
CA PRO A 8 -14.97 -22.83 -29.99
C PRO A 8 -14.65 -21.64 -29.08
N ALA A 9 -15.67 -21.06 -28.46
CA ALA A 9 -15.52 -19.86 -27.65
C ALA A 9 -15.38 -20.18 -26.15
N LEU A 10 -14.67 -19.30 -25.42
CA LEU A 10 -14.48 -19.49 -23.98
C LEU A 10 -15.59 -18.82 -23.19
N THR A 11 -16.08 -19.53 -22.16
CA THR A 11 -17.08 -18.95 -21.29
C THR A 11 -16.44 -17.92 -20.36
N LYS A 12 -17.28 -17.12 -19.71
CA LYS A 12 -16.77 -16.19 -18.69
CA LYS A 12 -16.78 -16.19 -18.70
C LYS A 12 -16.03 -16.93 -17.59
N SER A 13 -16.55 -18.08 -17.13
CA SER A 13 -15.85 -18.85 -16.10
CA SER A 13 -15.84 -18.82 -16.09
C SER A 13 -14.49 -19.31 -16.57
N GLN A 14 -14.39 -19.76 -17.83
CA GLN A 14 -13.12 -20.20 -18.38
C GLN A 14 -12.13 -19.05 -18.53
N THR A 15 -12.57 -17.91 -19.07
CA THR A 15 -11.71 -16.73 -19.14
CA THR A 15 -11.63 -16.80 -19.14
C THR A 15 -11.24 -16.30 -17.75
N ASP A 16 -12.13 -16.31 -16.77
CA ASP A 16 -11.73 -15.91 -15.42
C ASP A 16 -10.63 -16.84 -14.90
N ARG A 17 -10.76 -18.14 -15.13
CA ARG A 17 -9.76 -19.10 -14.67
C ARG A 17 -8.41 -18.83 -15.34
N LEU A 18 -8.41 -18.59 -16.66
CA LEU A 18 -7.15 -18.31 -17.33
C LEU A 18 -6.55 -16.99 -16.83
N GLU A 19 -7.38 -15.99 -16.56
CA GLU A 19 -6.85 -14.74 -16.04
C GLU A 19 -6.21 -14.89 -14.66
N VAL A 20 -6.76 -15.78 -13.83
CA VAL A 20 -6.12 -16.07 -12.55
C VAL A 20 -4.72 -16.61 -12.76
N LEU A 21 -4.54 -17.49 -13.77
CA LEU A 21 -3.26 -18.16 -14.01
C LEU A 21 -2.31 -17.36 -14.86
N LEU A 22 -2.75 -16.28 -15.49
CA LEU A 22 -1.92 -15.50 -16.36
C LEU A 22 -1.08 -14.53 -15.52
N ASN A 23 0.13 -14.28 -15.98
CA ASN A 23 0.98 -13.31 -15.31
C ASN A 23 1.41 -12.25 -16.34
N PRO A 24 1.73 -11.03 -15.88
CA PRO A 24 2.11 -9.94 -16.80
C PRO A 24 3.19 -10.30 -17.81
N LYS A 25 4.17 -11.12 -17.44
CA LYS A 25 5.26 -11.44 -18.35
C LYS A 25 4.82 -12.35 -19.49
N ASP A 26 3.70 -13.05 -19.35
CA ASP A 26 3.22 -13.91 -20.43
C ASP A 26 2.74 -13.05 -21.61
N GLU A 27 2.86 -13.60 -22.81
CA GLU A 27 2.13 -13.08 -23.96
C GLU A 27 1.42 -14.25 -24.62
N ILE A 28 0.16 -14.43 -24.23
CA ILE A 28 -0.68 -15.52 -24.72
C ILE A 28 -2.05 -14.92 -25.09
N SER A 29 -2.56 -15.29 -26.25
CA SER A 29 -3.92 -14.90 -26.62
C SER A 29 -4.89 -15.91 -26.02
N LEU A 30 -5.81 -15.44 -25.17
CA LEU A 30 -6.78 -16.36 -24.59
C LEU A 30 -7.81 -16.82 -25.60
N ASN A 31 -8.15 -15.97 -26.56
CA ASN A 31 -9.21 -16.26 -27.53
C ASN A 31 -8.62 -16.48 -28.93
N SER A 32 -7.50 -17.18 -29.01
CA SER A 32 -6.93 -17.52 -30.30
C SER A 32 -7.67 -18.63 -31.01
N GLY A 33 -8.55 -19.36 -30.32
CA GLY A 33 -9.12 -20.58 -30.82
C GLY A 33 -8.48 -21.83 -30.24
N LYS A 34 -7.34 -21.71 -29.57
CA LYS A 34 -6.77 -22.85 -28.87
C LYS A 34 -7.73 -23.26 -27.77
N PRO A 35 -7.94 -24.55 -27.54
CA PRO A 35 -8.97 -24.93 -26.56
C PRO A 35 -8.57 -24.57 -25.14
N PHE A 36 -9.61 -24.34 -24.33
CA PHE A 36 -9.40 -24.03 -22.91
C PHE A 36 -8.46 -25.02 -22.25
N ARG A 37 -8.62 -26.34 -22.51
CA ARG A 37 -7.78 -27.34 -21.83
C ARG A 37 -6.29 -27.11 -22.06
N GLU A 38 -5.92 -26.68 -23.26
CA GLU A 38 -4.50 -26.51 -23.53
C GLU A 38 -3.97 -25.19 -22.98
N LEU A 39 -4.78 -24.13 -23.00
CA LEU A 39 -4.38 -22.87 -22.36
C LEU A 39 -4.23 -23.05 -20.87
N GLU A 40 -5.18 -23.74 -20.24
CA GLU A 40 -5.08 -23.97 -18.80
C GLU A 40 -3.86 -24.81 -18.46
N SER A 41 -3.60 -25.89 -19.21
CA SER A 41 -2.44 -26.74 -18.92
CA SER A 41 -2.44 -26.73 -18.90
CA SER A 41 -2.45 -26.73 -18.92
C SER A 41 -1.13 -25.98 -19.10
N GLU A 42 -1.04 -25.16 -20.15
CA GLU A 42 0.17 -24.39 -20.36
C GLU A 42 0.41 -23.42 -19.20
N LEU A 43 -0.63 -22.68 -18.81
CA LEU A 43 -0.45 -21.69 -17.76
C LEU A 43 -0.21 -22.36 -16.42
N LEU A 44 -0.89 -23.49 -16.14
CA LEU A 44 -0.60 -24.23 -14.91
C LEU A 44 0.86 -24.64 -14.84
N SER A 45 1.44 -25.11 -15.95
CA SER A 45 2.84 -25.51 -15.95
CA SER A 45 2.85 -25.51 -15.95
CA SER A 45 2.85 -25.51 -15.96
C SER A 45 3.76 -24.32 -15.73
N ARG A 46 3.45 -23.16 -16.34
CA ARG A 46 4.31 -22.00 -16.13
C ARG A 46 4.25 -21.55 -14.68
N ARG A 47 3.05 -21.58 -14.08
CA ARG A 47 2.93 -21.08 -12.70
C ARG A 47 3.54 -22.05 -11.69
N LYS A 48 3.41 -23.37 -11.89
CA LYS A 48 4.09 -24.32 -11.03
C LYS A 48 5.61 -24.10 -11.09
N LYS A 49 6.15 -23.93 -12.30
N LYS A 49 6.15 -23.90 -12.29
CA LYS A 49 7.59 -23.65 -12.47
CA LYS A 49 7.60 -23.68 -12.38
C LYS A 49 7.99 -22.38 -11.71
C LYS A 49 8.00 -22.37 -11.70
N ASP A 50 7.18 -21.32 -11.83
CA ASP A 50 7.47 -20.07 -11.14
C ASP A 50 7.48 -20.27 -9.62
N LEU A 51 6.48 -20.98 -9.08
CA LEU A 51 6.42 -21.17 -7.64
C LEU A 51 7.57 -22.06 -7.15
N GLN A 52 7.90 -23.09 -7.93
CA GLN A 52 9.04 -23.95 -7.56
C GLN A 52 10.35 -23.17 -7.52
N GLN A 53 10.54 -22.22 -8.46
CA GLN A 53 11.75 -21.40 -8.47
C GLN A 53 11.79 -20.49 -7.24
N ILE A 54 10.66 -19.88 -6.87
CA ILE A 54 10.62 -19.08 -5.64
C ILE A 54 10.99 -19.94 -4.45
N TYR A 55 10.44 -21.15 -4.37
CA TYR A 55 10.68 -21.97 -3.19
C TYR A 55 12.12 -22.44 -3.13
N ALA A 56 12.73 -22.72 -4.28
CA ALA A 56 14.12 -23.16 -4.33
C ALA A 56 15.09 -22.02 -4.04
N GLU A 57 14.78 -20.78 -4.44
CA GLU A 57 15.84 -19.75 -4.55
C GLU A 57 15.59 -18.41 -3.82
N GLU A 58 14.39 -18.04 -3.48
CA GLU A 58 14.24 -16.75 -2.83
C GLU A 58 13.63 -16.90 -1.45
N ARG A 59 12.42 -17.33 -1.43
CA ARG A 59 11.53 -17.66 -0.36
C ARG A 59 10.97 -16.46 0.39
N GLU A 60 11.26 -15.25 -0.01
CA GLU A 60 10.74 -14.07 0.66
C GLU A 60 9.43 -13.59 0.03
N ASN A 61 8.51 -13.22 0.90
CA ASN A 61 7.22 -12.69 0.51
C ASN A 61 7.39 -11.27 -0.02
N TYR A 62 6.70 -10.92 -1.11
CA TYR A 62 6.89 -9.59 -1.67
C TYR A 62 6.52 -8.49 -0.68
N LEU A 63 5.40 -8.64 0.06
N LEU A 63 5.45 -8.69 0.08
CA LEU A 63 5.04 -7.57 1.00
CA LEU A 63 4.99 -7.63 0.98
C LEU A 63 6.06 -7.49 2.14
C LEU A 63 5.90 -7.52 2.21
N GLY A 64 6.45 -8.65 2.67
CA GLY A 64 7.44 -8.63 3.75
C GLY A 64 8.76 -8.03 3.29
N LYS A 65 9.22 -8.43 2.10
CA LYS A 65 10.49 -7.95 1.57
C LYS A 65 10.45 -6.45 1.33
N LEU A 66 9.34 -5.95 0.77
CA LEU A 66 9.23 -4.52 0.52
C LEU A 66 9.18 -3.76 1.83
N GLU A 67 8.45 -4.28 2.84
CA GLU A 67 8.48 -3.63 4.15
C GLU A 67 9.92 -3.54 4.66
N ARG A 68 10.69 -4.63 4.53
CA ARG A 68 12.07 -4.60 5.04
C ARG A 68 12.94 -3.61 4.27
N GLU A 69 12.78 -3.53 2.95
CA GLU A 69 13.55 -2.60 2.15
C GLU A 69 13.21 -1.14 2.53
N ILE A 70 11.92 -0.84 2.70
CA ILE A 70 11.51 0.50 3.07
C ILE A 70 11.99 0.83 4.47
N THR A 71 11.91 -0.15 5.40
CA THR A 71 12.39 0.10 6.76
C THR A 71 13.87 0.48 6.74
N ARG A 72 14.70 -0.27 5.99
CA ARG A 72 16.13 0.10 5.94
C ARG A 72 16.35 1.51 5.39
N PHE A 73 15.59 1.89 4.36
CA PHE A 73 15.74 3.22 3.78
C PHE A 73 15.48 4.30 4.82
N PHE A 74 14.36 4.20 5.55
CA PHE A 74 14.02 5.25 6.50
C PHE A 74 14.90 5.20 7.75
N VAL A 75 15.20 4.01 8.30
CA VAL A 75 16.12 3.96 9.45
C VAL A 75 17.44 4.63 9.08
N ASP A 76 17.97 4.35 7.88
CA ASP A 76 19.28 4.89 7.49
C ASP A 76 19.23 6.40 7.29
N ARG A 77 18.05 6.96 7.06
CA ARG A 77 17.89 8.39 6.92
CA ARG A 77 17.90 8.40 6.92
C ARG A 77 17.48 9.09 8.21
N GLY A 78 17.57 8.41 9.34
CA GLY A 78 17.33 9.03 10.62
C GLY A 78 15.94 8.96 11.17
N PHE A 79 15.07 8.15 10.58
CA PHE A 79 13.72 8.04 11.10
C PHE A 79 13.60 6.85 12.05
N LEU A 80 12.90 7.07 13.18
CA LEU A 80 12.68 5.99 14.16
C LEU A 80 11.55 5.05 13.69
N GLU A 81 11.80 3.74 13.75
CA GLU A 81 10.81 2.74 13.31
C GLU A 81 9.76 2.52 14.42
N ILE A 82 8.50 2.77 14.12
CA ILE A 82 7.38 2.61 15.04
C ILE A 82 6.57 1.37 14.68
N LYS A 83 6.09 0.65 15.70
CA LYS A 83 5.06 -0.38 15.51
C LYS A 83 4.00 -0.11 16.57
N SER A 84 2.84 0.37 16.16
CA SER A 84 1.79 0.85 17.04
C SER A 84 0.55 -0.01 16.87
N PRO A 85 -0.46 0.15 17.72
CA PRO A 85 -1.62 -0.75 17.67
C PRO A 85 -2.37 -0.67 16.33
N ILE A 86 -2.84 -1.83 15.88
CA ILE A 86 -3.76 -1.88 14.73
C ILE A 86 -5.21 -1.74 15.20
N LEU A 87 -5.53 -2.35 16.33
CA LEU A 87 -6.83 -2.24 16.96
C LEU A 87 -6.80 -0.99 17.84
N ILE A 88 -7.59 0.03 17.47
CA ILE A 88 -7.48 1.37 18.09
C ILE A 88 -8.84 1.82 18.65
N PRO A 89 -8.84 2.85 19.50
CA PRO A 89 -10.12 3.38 20.01
C PRO A 89 -10.97 3.97 18.90
N LEU A 90 -12.26 3.65 18.92
CA LEU A 90 -13.19 4.25 17.95
C LEU A 90 -13.22 5.77 18.06
N GLU A 91 -12.97 6.30 19.27
CA GLU A 91 -12.93 7.74 19.48
C GLU A 91 -11.91 8.43 18.58
N TYR A 92 -10.87 7.73 18.14
CA TYR A 92 -9.91 8.40 17.24
C TYR A 92 -10.56 8.83 15.93
N ILE A 93 -11.58 8.09 15.46
CA ILE A 93 -12.20 8.40 14.17
C ILE A 93 -12.82 9.80 14.17
N GLU A 94 -13.76 10.05 15.11
CA GLU A 94 -14.37 11.37 15.23
C GLU A 94 -13.31 12.44 15.44
N ARG A 95 -12.30 12.15 16.29
CA ARG A 95 -11.28 13.14 16.61
C ARG A 95 -10.37 13.47 15.44
N MET A 96 -10.32 12.61 14.42
N MET A 96 -10.34 12.62 14.42
CA MET A 96 -9.58 12.89 13.20
CA MET A 96 -9.59 12.96 13.22
C MET A 96 -10.39 13.71 12.20
C MET A 96 -10.36 13.84 12.26
N GLY A 97 -11.62 14.11 12.55
CA GLY A 97 -12.43 14.86 11.61
C GLY A 97 -13.09 14.01 10.56
N ILE A 98 -13.17 12.72 10.81
CA ILE A 98 -13.95 11.87 9.92
C ILE A 98 -15.40 12.00 10.39
N ASP A 99 -16.14 12.92 9.79
CA ASP A 99 -17.47 13.21 10.28
C ASP A 99 -18.40 12.01 10.06
N ASN A 100 -19.39 11.89 10.94
CA ASN A 100 -20.35 10.79 10.79
C ASN A 100 -21.50 11.21 9.87
N LEU A 104 -16.45 7.87 4.21
CA LEU A 104 -15.19 7.61 4.89
C LEU A 104 -15.46 7.02 6.26
N SER A 105 -16.37 7.65 6.99
CA SER A 105 -16.80 7.10 8.26
C SER A 105 -17.43 5.74 8.05
N LYS A 106 -18.20 5.60 6.96
CA LYS A 106 -18.81 4.33 6.62
C LYS A 106 -17.80 3.28 6.23
N GLN A 107 -16.53 3.66 6.02
CA GLN A 107 -15.53 2.71 5.62
C GLN A 107 -14.87 2.02 6.82
N ILE A 108 -15.22 2.38 8.05
CA ILE A 108 -14.49 1.89 9.23
C ILE A 108 -15.01 0.52 9.65
N PHE A 109 -14.09 -0.46 9.90
CA PHE A 109 -14.45 -1.74 10.49
C PHE A 109 -14.50 -1.56 12.00
N ARG A 110 -15.70 -1.74 12.58
CA ARG A 110 -15.86 -1.62 14.02
C ARG A 110 -15.61 -2.96 14.69
N VAL A 111 -15.00 -2.88 15.88
CA VAL A 111 -14.71 -4.07 16.68
C VAL A 111 -15.30 -3.86 18.07
N ASP A 112 -16.13 -4.80 18.50
CA ASP A 112 -16.85 -4.67 19.78
C ASP A 112 -17.68 -3.38 19.66
N LYS A 113 -17.73 -2.55 20.68
CA LYS A 113 -18.47 -1.31 20.59
C LYS A 113 -17.62 -0.06 20.76
N ASN A 114 -16.39 -0.18 21.24
CA ASN A 114 -15.57 1.00 21.44
C ASN A 114 -14.26 0.98 20.67
N PHE A 115 -14.04 -0.01 19.80
CA PHE A 115 -12.78 -0.12 19.05
C PHE A 115 -13.03 -0.21 17.56
N CYS A 116 -11.96 -0.05 16.80
CA CYS A 116 -12.07 -0.25 15.36
C CYS A 116 -10.71 -0.67 14.85
N LEU A 117 -10.67 -1.18 13.61
CA LEU A 117 -9.39 -1.40 12.94
C LEU A 117 -8.92 -0.07 12.35
N ARG A 118 -7.66 0.30 12.55
CA ARG A 118 -7.21 1.60 12.07
C ARG A 118 -7.35 1.68 10.54
N PRO A 119 -7.90 2.78 10.01
CA PRO A 119 -7.96 2.97 8.55
C PRO A 119 -6.75 3.74 8.03
N MET A 120 -5.87 4.20 8.92
CA MET A 120 -4.67 4.92 8.55
C MET A 120 -3.76 4.90 9.75
N LEU A 121 -2.50 5.22 9.52
CA LEU A 121 -1.50 5.25 10.59
C LEU A 121 -1.44 6.61 11.30
N ALA A 122 -1.92 7.67 10.68
CA ALA A 122 -1.71 9.02 11.16
C ALA A 122 -1.98 9.24 12.65
N PRO A 123 -3.11 8.81 13.23
CA PRO A 123 -3.37 9.20 14.62
C PRO A 123 -2.36 8.65 15.59
N ASN A 124 -1.94 7.39 15.41
CA ASN A 124 -0.93 6.83 16.30
C ASN A 124 0.40 7.56 16.13
N LEU A 125 0.72 7.95 14.89
CA LEU A 125 1.97 8.68 14.66
C LEU A 125 1.92 10.08 15.24
N ALA A 126 0.76 10.76 15.18
CA ALA A 126 0.63 12.06 15.82
C ALA A 126 0.87 11.94 17.32
N ASN A 127 0.36 10.88 17.95
CA ASN A 127 0.61 10.71 19.38
C ASN A 127 2.09 10.49 19.65
N TYR A 128 2.77 9.70 18.81
CA TYR A 128 4.21 9.51 18.99
C TYR A 128 4.99 10.80 18.79
N LEU A 129 4.65 11.60 17.77
CA LEU A 129 5.38 12.85 17.58
C LEU A 129 5.27 13.72 18.83
N ARG A 130 4.05 13.86 19.37
CA ARG A 130 3.84 14.69 20.56
C ARG A 130 4.67 14.16 21.73
N LYS A 131 4.62 12.85 21.97
CA LYS A 131 5.34 12.30 23.12
C LYS A 131 6.84 12.37 22.94
N LEU A 132 7.33 12.03 21.75
CA LEU A 132 8.78 12.01 21.55
C LEU A 132 9.38 13.42 21.55
N ASP A 133 8.60 14.43 21.20
CA ASP A 133 9.12 15.79 21.25
C ASP A 133 9.49 16.23 22.66
N ARG A 134 9.04 15.50 23.70
CA ARG A 134 9.45 15.82 25.06
C ARG A 134 10.82 15.25 25.40
N ALA A 135 11.37 14.36 24.57
CA ALA A 135 12.59 13.65 24.94
C ALA A 135 13.70 13.74 23.89
N LEU A 136 13.34 13.90 22.61
CA LEU A 136 14.34 13.78 21.55
C LEU A 136 14.69 15.13 20.94
N PRO A 137 15.87 15.28 20.33
CA PRO A 137 16.26 16.55 19.74
C PRO A 137 15.51 16.81 18.44
N ASP A 138 15.38 18.09 18.12
CA ASP A 138 14.74 18.53 16.88
C ASP A 138 15.64 18.21 15.67
N PRO A 139 15.08 17.73 14.57
CA PRO A 139 13.67 17.42 14.38
C PRO A 139 13.33 15.97 14.74
N ILE A 140 12.05 15.72 15.02
CA ILE A 140 11.55 14.38 15.30
C ILE A 140 11.16 13.74 13.98
N LYS A 141 11.74 12.56 13.69
CA LYS A 141 11.52 11.86 12.43
C LYS A 141 11.14 10.42 12.74
N ILE A 142 9.93 10.00 12.34
CA ILE A 142 9.47 8.64 12.64
C ILE A 142 8.75 8.08 11.41
N PHE A 143 8.56 6.77 11.42
CA PHE A 143 7.74 6.17 10.36
C PHE A 143 7.16 4.85 10.87
N GLU A 144 6.11 4.40 10.21
CA GLU A 144 5.52 3.11 10.50
C GLU A 144 5.10 2.46 9.20
N ILE A 145 5.18 1.12 9.17
CA ILE A 145 4.62 0.29 8.08
C ILE A 145 3.75 -0.75 8.75
N GLY A 146 2.51 -0.87 8.27
CA GLY A 146 1.70 -1.99 8.75
C GLY A 146 0.28 -2.00 8.20
N PRO A 147 -0.50 -2.95 8.65
CA PRO A 147 -1.86 -3.14 8.12
C PRO A 147 -2.79 -2.00 8.47
N CYS A 148 -3.64 -1.64 7.52
CA CYS A 148 -4.75 -0.71 7.70
C CYS A 148 -5.97 -1.29 7.00
N TYR A 149 -7.17 -0.79 7.35
CA TYR A 149 -8.42 -1.47 6.99
C TYR A 149 -9.45 -0.43 6.60
N ARG A 150 -10.09 -0.62 5.44
CA ARG A 150 -11.20 0.22 5.02
C ARG A 150 -12.18 -0.65 4.24
N LYS A 151 -13.49 -0.42 4.46
CA LYS A 151 -14.48 -1.06 3.60
C LYS A 151 -14.47 -0.31 2.27
N GLU A 152 -14.37 -1.04 1.19
CA GLU A 152 -14.26 -0.44 -0.13
C GLU A 152 -15.20 -1.12 -1.11
N SER A 153 -15.65 -0.36 -2.11
CA SER A 153 -16.25 -0.97 -3.27
C SER A 153 -15.19 -1.78 -4.01
N ASP A 154 -15.58 -2.94 -4.50
CA ASP A 154 -14.64 -3.79 -5.20
C ASP A 154 -13.97 -2.98 -6.29
N GLY A 155 -12.67 -3.18 -6.47
CA GLY A 155 -12.05 -2.64 -7.64
C GLY A 155 -10.57 -2.95 -7.70
N LYS A 156 -9.98 -2.51 -8.82
CA LYS A 156 -8.64 -2.91 -9.23
C LYS A 156 -7.54 -2.29 -8.40
N GLU A 157 -7.81 -1.22 -7.61
CA GLU A 157 -6.76 -0.48 -6.91
C GLU A 157 -7.05 -0.39 -5.41
N HIS A 158 -8.11 -1.01 -4.92
CA HIS A 158 -8.44 -0.97 -3.50
C HIS A 158 -8.53 -2.37 -2.92
N LEU A 159 -8.03 -2.50 -1.70
CA LEU A 159 -8.17 -3.69 -0.87
C LEU A 159 -8.83 -3.28 0.44
N GLU A 160 -9.56 -4.19 1.05
CA GLU A 160 -10.10 -3.89 2.37
C GLU A 160 -9.04 -4.00 3.45
N GLU A 161 -8.05 -4.86 3.25
CA GLU A 161 -6.92 -5.04 4.16
C GLU A 161 -5.69 -4.73 3.33
N PHE A 162 -5.03 -3.60 3.62
CA PHE A 162 -3.87 -3.18 2.88
C PHE A 162 -2.75 -2.81 3.86
N THR A 163 -1.60 -2.41 3.33
CA THR A 163 -0.43 -2.13 4.13
C THR A 163 0.00 -0.69 3.81
N MET A 164 0.11 0.15 4.84
N MET A 164 0.10 0.13 4.86
CA MET A 164 0.48 1.53 4.60
CA MET A 164 0.47 1.54 4.74
C MET A 164 1.81 1.87 5.26
C MET A 164 1.91 1.74 5.22
N LEU A 165 2.64 2.63 4.52
CA LEU A 165 3.81 3.30 5.07
C LEU A 165 3.38 4.73 5.35
N ASN A 166 3.71 5.25 6.53
CA ASN A 166 3.61 6.70 6.74
C ASN A 166 4.91 7.14 7.39
N PHE A 167 5.56 8.10 6.80
CA PHE A 167 6.70 8.74 7.43
C PHE A 167 6.34 10.19 7.73
N CYS A 168 6.93 10.73 8.78
CA CYS A 168 6.58 12.10 9.14
C CYS A 168 7.72 12.71 9.93
N GLN A 169 7.69 14.03 9.99
CA GLN A 169 8.73 14.79 10.68
C GLN A 169 8.07 15.97 11.34
N MET A 170 8.61 16.38 12.48
CA MET A 170 8.07 17.53 13.19
C MET A 170 9.22 18.36 13.73
N GLY A 171 9.14 19.69 13.52
CA GLY A 171 10.13 20.62 14.02
C GLY A 171 10.73 21.38 12.84
N SER A 172 12.05 21.48 12.83
CA SER A 172 12.73 22.10 11.71
C SER A 172 12.65 21.22 10.47
N GLY A 173 12.84 21.86 9.32
CA GLY A 173 12.90 21.14 8.07
C GLY A 173 11.55 20.69 7.54
N CYS A 174 10.45 21.22 8.04
CA CYS A 174 9.12 20.73 7.66
C CYS A 174 8.53 21.65 6.60
N THR A 175 9.18 21.64 5.45
CA THR A 175 8.78 22.46 4.30
C THR A 175 8.29 21.58 3.17
N ARG A 176 7.53 22.19 2.25
CA ARG A 176 7.11 21.47 1.04
CA ARG A 176 7.11 21.46 1.06
C ARG A 176 8.31 20.94 0.29
N GLU A 177 9.38 21.74 0.17
CA GLU A 177 10.52 21.28 -0.61
C GLU A 177 11.20 20.07 0.02
N ASN A 178 11.35 20.04 1.35
CA ASN A 178 11.94 18.88 1.97
C ASN A 178 11.02 17.67 1.86
N LEU A 179 9.71 17.85 2.01
CA LEU A 179 8.78 16.72 1.82
C LEU A 179 8.91 16.15 0.40
N GLU A 180 8.88 17.04 -0.61
CA GLU A 180 9.04 16.55 -1.98
C GLU A 180 10.38 15.87 -2.18
N SER A 181 11.45 16.37 -1.54
CA SER A 181 12.76 15.76 -1.70
CA SER A 181 12.77 15.76 -1.71
C SER A 181 12.81 14.34 -1.11
N ILE A 182 12.17 14.13 0.04
CA ILE A 182 12.15 12.80 0.64
C ILE A 182 11.35 11.84 -0.26
N ILE A 183 10.19 12.29 -0.74
CA ILE A 183 9.38 11.47 -1.66
C ILE A 183 10.18 11.12 -2.90
N THR A 184 10.91 12.08 -3.45
CA THR A 184 11.72 11.83 -4.65
C THR A 184 12.82 10.83 -4.36
N ASP A 185 13.54 10.99 -3.25
CA ASP A 185 14.59 10.02 -2.91
C ASP A 185 14.00 8.63 -2.72
N PHE A 186 12.87 8.56 -2.03
CA PHE A 186 12.23 7.28 -1.75
C PHE A 186 11.81 6.57 -3.04
N LEU A 187 11.07 7.27 -3.90
CA LEU A 187 10.61 6.61 -5.12
C LEU A 187 11.76 6.37 -6.10
N ASN A 188 12.78 7.22 -6.13
CA ASN A 188 13.97 6.89 -6.93
C ASN A 188 14.63 5.62 -6.40
N HIS A 189 14.67 5.44 -5.06
CA HIS A 189 15.24 4.21 -4.51
C HIS A 189 14.48 2.96 -4.98
N LEU A 190 13.16 3.06 -5.08
CA LEU A 190 12.33 1.95 -5.58
C LEU A 190 12.24 1.88 -7.10
N GLY A 191 12.75 2.88 -7.83
CA GLY A 191 12.70 2.86 -9.29
C GLY A 191 11.36 3.18 -9.89
N ILE A 192 10.54 4.01 -9.23
CA ILE A 192 9.18 4.24 -9.64
C ILE A 192 9.05 5.69 -10.06
N ASP A 193 8.62 5.92 -11.30
CA ASP A 193 8.40 7.27 -11.83
C ASP A 193 7.11 7.86 -11.26
N PHE A 194 7.09 9.18 -11.07
CA PHE A 194 5.88 9.78 -10.53
C PHE A 194 5.82 11.26 -10.87
N LYS A 195 4.64 11.83 -10.64
CA LYS A 195 4.46 13.28 -10.61
C LYS A 195 3.66 13.64 -9.37
N ILE A 196 3.72 14.92 -8.99
CA ILE A 196 2.97 15.43 -7.84
C ILE A 196 1.82 16.30 -8.37
N VAL A 197 0.58 16.03 -7.93
CA VAL A 197 -0.58 16.84 -8.30
C VAL A 197 -1.30 17.25 -7.03
N GLY A 198 -1.87 18.47 -6.99
CA GLY A 198 -2.65 18.85 -5.81
C GLY A 198 -3.99 18.11 -5.76
N ASP A 199 -4.43 17.77 -4.55
CA ASP A 199 -5.77 17.25 -4.32
C ASP A 199 -6.21 17.74 -2.95
N SER A 200 -7.31 17.22 -2.45
CA SER A 200 -7.76 17.65 -1.13
C SER A 200 -8.58 16.54 -0.51
N CYS A 201 -8.55 16.49 0.82
CA CYS A 201 -9.27 15.44 1.52
C CYS A 201 -9.91 16.00 2.78
N MET A 202 -10.86 15.22 3.29
CA MET A 202 -11.68 15.67 4.42
C MET A 202 -10.85 15.83 5.69
N VAL A 203 -9.85 14.98 5.90
CA VAL A 203 -9.14 14.97 7.18
C VAL A 203 -8.10 16.07 7.22
N PHE A 204 -7.29 16.16 6.18
CA PHE A 204 -6.10 16.99 6.20
C PHE A 204 -6.21 18.26 5.39
N GLY A 205 -7.20 18.38 4.49
CA GLY A 205 -7.25 19.54 3.62
C GLY A 205 -6.47 19.32 2.34
N ASP A 206 -5.70 20.33 1.89
CA ASP A 206 -4.94 20.19 0.67
C ASP A 206 -3.87 19.12 0.82
N THR A 207 -3.73 18.29 -0.20
CA THR A 207 -2.71 17.26 -0.20
C THR A 207 -1.85 17.44 -1.44
N LEU A 208 -0.64 16.94 -1.36
CA LEU A 208 0.21 16.71 -2.53
C LEU A 208 0.07 15.22 -2.85
N ASP A 209 -0.65 14.90 -3.91
CA ASP A 209 -0.82 13.50 -4.27
C ASP A 209 0.29 13.06 -5.22
N VAL A 210 0.89 11.93 -4.91
CA VAL A 210 1.99 11.34 -5.67
C VAL A 210 1.36 10.34 -6.63
N MET A 211 1.43 10.62 -7.92
CA MET A 211 0.70 9.88 -8.94
C MET A 211 1.66 9.12 -9.83
N HIS A 212 1.34 7.88 -10.15
CA HIS A 212 2.06 7.12 -11.18
C HIS A 212 1.00 6.92 -12.24
N GLY A 213 1.04 7.75 -13.28
CA GLY A 213 -0.09 7.77 -14.20
C GLY A 213 -1.35 8.18 -13.46
N ASP A 214 -2.41 7.41 -13.62
N ASP A 214 -2.40 7.38 -13.60
CA ASP A 214 -3.65 7.69 -12.91
CA ASP A 214 -3.64 7.71 -12.91
C ASP A 214 -3.79 6.85 -11.66
C ASP A 214 -3.72 7.08 -11.53
N LEU A 215 -2.69 6.36 -11.12
CA LEU A 215 -2.69 5.62 -9.85
C LEU A 215 -2.12 6.51 -8.75
N GLU A 216 -2.91 6.72 -7.70
CA GLU A 216 -2.46 7.46 -6.53
C GLU A 216 -1.59 6.56 -5.66
N LEU A 217 -0.30 6.88 -5.57
CA LEU A 217 0.58 6.15 -4.67
C LEU A 217 0.54 6.70 -3.26
N SER A 218 0.36 8.01 -3.11
CA SER A 218 0.42 8.59 -1.77
C SER A 218 -0.37 9.87 -1.75
N SER A 219 -0.87 10.21 -0.56
CA SER A 219 -1.20 11.60 -0.22
C SER A 219 -0.21 12.09 0.83
N ALA A 220 0.32 13.30 0.62
CA ALA A 220 1.27 13.93 1.54
C ALA A 220 0.74 15.28 1.98
N VAL A 221 1.16 15.72 3.16
CA VAL A 221 0.61 16.91 3.79
C VAL A 221 1.73 17.75 4.35
N VAL A 222 1.64 19.08 4.17
CA VAL A 222 2.50 20.04 4.88
C VAL A 222 1.66 20.75 5.93
N GLY A 223 1.98 20.53 7.20
CA GLY A 223 1.30 21.22 8.28
C GLY A 223 1.84 22.63 8.43
N PRO A 224 1.32 23.38 9.40
CA PRO A 224 0.32 22.97 10.38
C PRO A 224 -1.08 22.94 9.72
N ILE A 225 -2.02 22.26 10.35
CA ILE A 225 -3.43 22.24 9.95
C ILE A 225 -4.28 22.41 11.20
N PRO A 226 -5.56 22.77 11.03
CA PRO A 226 -6.37 23.04 12.22
C PRO A 226 -6.55 21.84 13.14
N LEU A 227 -6.50 20.62 12.59
CA LEU A 227 -6.61 19.41 13.37
C LEU A 227 -5.51 19.28 14.43
N ASP A 228 -4.37 19.93 14.21
CA ASP A 228 -3.22 19.79 15.11
C ASP A 228 -3.60 19.99 16.58
N ARG A 229 -4.40 21.01 16.89
CA ARG A 229 -4.72 21.33 18.28
C ARG A 229 -5.39 20.17 18.98
N GLU A 230 -6.24 19.39 18.27
CA GLU A 230 -6.96 18.30 18.93
C GLU A 230 -6.04 17.12 19.23
N TRP A 231 -4.83 17.13 18.68
CA TRP A 231 -3.86 16.06 18.88
C TRP A 231 -2.63 16.57 19.64
N GLY A 232 -2.66 17.82 20.09
CA GLY A 232 -1.55 18.32 20.86
C GLY A 232 -0.30 18.59 20.04
N ILE A 233 -0.46 18.75 18.73
CA ILE A 233 0.67 19.02 17.85
C ILE A 233 0.75 20.52 17.70
N ASP A 234 1.94 21.06 17.99
CA ASP A 234 2.12 22.51 18.12
C ASP A 234 3.38 23.00 17.45
N LYS A 235 3.86 22.27 16.44
CA LYS A 235 5.04 22.63 15.67
C LYS A 235 4.76 22.32 14.20
N PRO A 236 5.57 22.88 13.31
CA PRO A 236 5.48 22.50 11.89
C PRO A 236 5.71 21.00 11.74
N TRP A 237 5.13 20.44 10.68
CA TRP A 237 5.28 19.01 10.44
C TRP A 237 5.01 18.73 8.98
N ILE A 238 5.53 17.59 8.52
CA ILE A 238 5.25 17.08 7.19
C ILE A 238 5.04 15.59 7.31
N GLY A 239 4.29 15.02 6.38
CA GLY A 239 4.12 13.57 6.40
C GLY A 239 3.49 13.08 5.11
N ALA A 240 3.64 11.78 4.88
CA ALA A 240 3.08 11.17 3.67
C ALA A 240 2.74 9.72 3.94
N GLY A 241 1.64 9.27 3.32
CA GLY A 241 1.16 7.90 3.47
C GLY A 241 1.13 7.22 2.11
N PHE A 242 1.72 6.03 2.02
CA PHE A 242 1.82 5.27 0.77
C PHE A 242 1.24 3.89 0.98
N GLY A 243 0.56 3.37 -0.01
CA GLY A 243 0.15 1.96 0.03
C GLY A 243 1.16 1.00 -0.58
N LEU A 244 1.63 0.02 0.21
CA LEU A 244 2.66 -0.90 -0.31
C LEU A 244 2.13 -1.77 -1.44
N GLU A 245 0.88 -2.24 -1.36
CA GLU A 245 0.37 -3.07 -2.46
C GLU A 245 0.28 -2.26 -3.77
N ARG A 246 -0.03 -0.96 -3.70
CA ARG A 246 0.02 -0.15 -4.92
C ARG A 246 1.45 -0.04 -5.46
N LEU A 247 2.44 0.11 -4.58
CA LEU A 247 3.83 0.10 -5.04
C LEU A 247 4.17 -1.21 -5.76
N LEU A 248 3.74 -2.35 -5.18
CA LEU A 248 4.02 -3.64 -5.79
C LEU A 248 3.26 -3.78 -7.11
N LYS A 249 2.04 -3.24 -7.19
CA LYS A 249 1.29 -3.31 -8.44
C LYS A 249 2.06 -2.61 -9.56
N VAL A 250 2.66 -1.46 -9.26
CA VAL A 250 3.45 -0.78 -10.28
C VAL A 250 4.69 -1.59 -10.61
N LYS A 251 5.43 -2.02 -9.57
CA LYS A 251 6.70 -2.67 -9.79
C LYS A 251 6.53 -3.92 -10.65
N HIS A 252 5.46 -4.68 -10.42
CA HIS A 252 5.27 -5.96 -11.08
C HIS A 252 4.25 -5.93 -12.21
N ASP A 253 3.71 -4.76 -12.52
N ASP A 253 3.69 -4.76 -12.53
CA ASP A 253 2.75 -4.60 -13.61
CA ASP A 253 2.75 -4.60 -13.65
C ASP A 253 1.52 -5.50 -13.43
C ASP A 253 1.46 -5.40 -13.44
N PHE A 254 1.05 -5.63 -12.21
CA PHE A 254 -0.15 -6.43 -11.97
C PHE A 254 -1.38 -5.70 -12.47
N LYS A 255 -2.35 -6.45 -13.02
CA LYS A 255 -3.61 -5.84 -13.47
C LYS A 255 -4.53 -5.56 -12.32
N ASN A 256 -4.48 -6.38 -11.27
CA ASN A 256 -5.37 -6.16 -10.14
C ASN A 256 -4.51 -6.15 -8.91
N ILE A 257 -4.80 -5.19 -8.04
CA ILE A 257 -4.08 -5.12 -6.77
C ILE A 257 -4.20 -6.37 -5.89
N LYS A 258 -5.19 -7.23 -6.11
CA LYS A 258 -5.32 -8.43 -5.29
C LYS A 258 -4.08 -9.32 -5.40
N ARG A 259 -3.34 -9.26 -6.53
CA ARG A 259 -2.13 -10.07 -6.69
C ARG A 259 -1.07 -9.73 -5.68
N ALA A 260 -1.15 -8.53 -5.11
CA ALA A 260 -0.19 -7.97 -4.18
C ALA A 260 -0.58 -8.16 -2.74
N ALA A 261 -1.82 -8.56 -2.45
CA ALA A 261 -2.41 -8.45 -1.12
C ALA A 261 -2.02 -9.63 -0.25
N ARG A 262 -2.20 -9.45 1.07
CA ARG A 262 -2.30 -10.59 1.98
C ARG A 262 -3.42 -11.45 1.50
N SER A 263 -3.14 -12.72 1.32
CA SER A 263 -4.11 -13.49 0.58
C SER A 263 -3.72 -14.92 0.78
N GLY A 264 -4.70 -15.79 0.71
CA GLY A 264 -4.44 -17.19 0.54
C GLY A 264 -4.50 -17.60 -0.91
N SER A 265 -4.84 -16.67 -1.81
CA SER A 265 -5.14 -16.94 -3.22
CA SER A 265 -5.11 -17.01 -3.21
C SER A 265 -3.99 -16.66 -4.17
N TYR A 266 -3.02 -15.86 -3.76
CA TYR A 266 -1.84 -15.57 -4.57
C TYR A 266 -0.62 -15.53 -3.65
N TYR A 267 0.50 -16.06 -4.16
CA TYR A 267 1.78 -15.98 -3.47
C TYR A 267 2.74 -15.22 -4.39
N ASN A 268 3.15 -14.01 -4.00
CA ASN A 268 4.02 -13.21 -4.87
C ASN A 268 3.45 -13.09 -6.29
N GLY A 269 2.13 -12.89 -6.36
CA GLY A 269 1.43 -12.71 -7.63
C GLY A 269 1.15 -13.96 -8.40
N ILE A 270 1.48 -15.13 -7.85
N ILE A 270 1.51 -15.13 -7.88
CA ILE A 270 1.23 -16.42 -8.51
CA ILE A 270 1.24 -16.43 -8.53
C ILE A 270 0.02 -17.07 -7.87
C ILE A 270 0.02 -17.02 -7.88
N SER A 271 -0.94 -17.52 -8.68
CA SER A 271 -2.09 -18.17 -8.09
C SER A 271 -1.68 -19.37 -7.25
N THR A 272 -2.32 -19.52 -6.08
CA THR A 272 -2.11 -20.73 -5.27
C THR A 272 -3.13 -21.81 -5.57
N ASN A 273 -3.99 -21.60 -6.57
CA ASN A 273 -4.99 -22.57 -7.00
C ASN A 273 -4.46 -23.31 -8.22
N LEU A 274 -3.59 -24.27 -7.96
CA LEU A 274 -2.81 -24.98 -9.00
C LEU A 274 -3.07 -26.47 -9.01
#